data_4XQN
#
_entry.id   4XQN
#
_cell.length_a   45.170
_cell.length_b   61.320
_cell.length_c   64.100
_cell.angle_alpha   91.09
_cell.angle_beta   97.48
_cell.angle_gamma   94.02
#
_symmetry.space_group_name_H-M   'P 1'
#
loop_
_entity.id
_entity.type
_entity.pdbx_description
1 polymer "DNA (5'-D(*AP*CP*AP*GP*TP*TP*AP*AP*GP*AP*AP*T)-3')"
2 polymer "DNA (5'-D(P*AP*AP*TP*TP*CP*TP*TP*AP*AP*CP*TP*GP*T)-3')"
3 polymer 'Accessory gene regulator A'
4 non-polymer 1,2-ETHANEDIOL
5 water water
#
loop_
_entity_poly.entity_id
_entity_poly.type
_entity_poly.pdbx_seq_one_letter_code
_entity_poly.pdbx_strand_id
1 'polydeoxyribonucleotide' (DA)(DC)(DA)(DG)(DT)(DT)(DA)(DA)(DG)(DA)(DA)(DT) B,E,H,K
2 'polydeoxyribonucleotide' (DA)(DA)(DT)(DT)(DC)(DT)(DT)(DA)(DA)(DC)(DT)(DG)(DT) C,F,I,L
3 'polypeptide(L)'
;VETIELKRGSNSVYVQYDDIMFFESSTKSHRLIAHLDNRQIEFYGNLKELSQLDDRFFRCHNSFVVNRHNIESIDSKERI
VYFKNKEHCYASVRNVKKI
;
A,D,G,J
#
loop_
_chem_comp.id
_chem_comp.type
_chem_comp.name
_chem_comp.formula
DA DNA linking 2'-DEOXYADENOSINE-5'-MONOPHOSPHATE 'C10 H14 N5 O6 P'
DC DNA linking 2'-DEOXYCYTIDINE-5'-MONOPHOSPHATE 'C9 H14 N3 O7 P'
DG DNA linking 2'-DEOXYGUANOSINE-5'-MONOPHOSPHATE 'C10 H14 N5 O7 P'
DT DNA linking THYMIDINE-5'-MONOPHOSPHATE 'C10 H15 N2 O8 P'
EDO non-polymer 1,2-ETHANEDIOL 'C2 H6 O2'
#
# COMPACT_ATOMS: atom_id res chain seq x y z
N GLU I 2 -16.24 16.84 -36.85
CA GLU I 2 -15.98 16.34 -35.46
C GLU I 2 -16.55 17.31 -34.44
N THR I 3 -17.66 16.94 -33.83
CA THR I 3 -18.38 17.86 -33.00
C THR I 3 -18.59 17.19 -31.67
N ILE I 4 -18.63 17.99 -30.63
CA ILE I 4 -18.84 17.48 -29.30
C ILE I 4 -20.04 18.20 -28.75
N GLU I 5 -20.87 17.46 -28.01
CA GLU I 5 -21.99 18.04 -27.30
C GLU I 5 -21.56 18.29 -25.88
N LEU I 6 -21.58 19.55 -25.49
CA LEU I 6 -21.35 19.97 -24.12
C LEU I 6 -22.70 20.09 -23.42
N LYS I 7 -23.01 19.09 -22.59
CA LYS I 7 -24.32 18.99 -21.92
C LYS I 7 -24.41 19.90 -20.73
N ARG I 8 -25.43 20.73 -20.67
CA ARG I 8 -25.62 21.65 -19.55
C ARG I 8 -27.04 21.52 -18.99
N GLY I 9 -27.43 20.35 -18.52
CA GLY I 9 -28.76 20.21 -17.90
C GLY I 9 -29.88 20.35 -18.91
N SER I 10 -30.66 21.43 -18.83
CA SER I 10 -31.68 21.70 -19.85
C SER I 10 -31.13 22.13 -21.23
N ASN I 11 -29.91 22.65 -21.27
CA ASN I 11 -29.27 23.11 -22.52
C ASN I 11 -28.23 22.13 -23.00
N SER I 12 -27.87 22.26 -24.27
CA SER I 12 -26.62 21.72 -24.78
C SER I 12 -26.00 22.74 -25.70
N VAL I 13 -24.67 22.73 -25.77
CA VAL I 13 -23.93 23.55 -26.70
C VAL I 13 -23.10 22.58 -27.55
N TYR I 14 -23.03 22.85 -28.83
CA TYR I 14 -22.33 21.99 -29.78
C TYR I 14 -21.14 22.76 -30.34
N VAL I 15 -19.97 22.17 -30.24
CA VAL I 15 -18.71 22.81 -30.58
C VAL I 15 -17.87 21.84 -31.43
N GLN I 16 -17.05 22.37 -32.30
CA GLN I 16 -16.07 21.56 -33.03
C GLN I 16 -14.86 21.29 -32.18
N TYR I 17 -14.23 20.15 -32.42
CA TYR I 17 -13.02 19.79 -31.67
C TYR I 17 -12.00 20.90 -31.66
N ASP I 18 -11.75 21.49 -32.83
CA ASP I 18 -10.67 22.47 -32.95
C ASP I 18 -11.09 23.92 -32.64
N ASP I 19 -12.35 24.12 -32.24
CA ASP I 19 -12.74 25.33 -31.51
C ASP I 19 -12.16 25.35 -30.08
N ILE I 20 -11.79 24.18 -29.58
CA ILE I 20 -11.39 24.01 -28.19
C ILE I 20 -9.89 24.07 -28.02
N MET I 21 -9.42 24.98 -27.15
CA MET I 21 -8.01 25.05 -26.75
C MET I 21 -7.72 23.96 -25.71
N PHE I 22 -8.51 23.98 -24.64
CA PHE I 22 -8.41 23.04 -23.55
C PHE I 22 -9.68 23.02 -22.71
N PHE I 23 -9.77 21.95 -21.93
CA PHE I 23 -10.79 21.77 -20.94
C PHE I 23 -10.11 21.82 -19.58
N GLU I 24 -10.80 22.38 -18.60
CA GLU I 24 -10.35 22.31 -17.23
C GLU I 24 -11.51 22.00 -16.32
N SER I 25 -11.22 21.44 -15.15
CA SER I 25 -12.25 21.25 -14.13
C SER I 25 -12.74 22.60 -13.66
N SER I 26 -14.04 22.69 -13.44
CA SER I 26 -14.66 23.84 -12.81
C SER I 26 -14.46 23.67 -11.29
N THR I 27 -14.61 24.74 -10.53
CA THR I 27 -14.79 24.58 -9.09
C THR I 27 -16.22 24.13 -8.74
N LYS I 28 -17.18 24.22 -9.66
CA LYS I 28 -18.46 23.53 -9.48
C LYS I 28 -18.22 22.04 -9.69
N SER I 29 -18.57 21.25 -8.68
CA SER I 29 -18.38 19.81 -8.73
C SER I 29 -19.05 19.16 -9.96
N HIS I 30 -18.29 18.30 -10.63
CA HIS I 30 -18.74 17.59 -11.84
C HIS I 30 -18.98 18.46 -13.07
N ARG I 31 -18.49 19.68 -13.03
CA ARG I 31 -18.53 20.52 -14.20
C ARG I 31 -17.14 20.76 -14.72
N LEU I 32 -17.04 20.94 -16.02
CA LEU I 32 -15.82 21.30 -16.68
C LEU I 32 -16.04 22.61 -17.40
N ILE I 33 -14.94 23.23 -17.78
CA ILE I 33 -14.97 24.43 -18.62
C ILE I 33 -14.22 24.16 -19.90
N ALA I 34 -14.91 24.36 -21.02
CA ALA I 34 -14.29 24.32 -22.33
C ALA I 34 -13.80 25.72 -22.65
N HIS I 35 -12.50 25.85 -22.88
CA HIS I 35 -11.92 27.12 -23.32
C HIS I 35 -11.80 27.13 -24.84
N LEU I 36 -12.51 28.05 -25.41
CA LEU I 36 -12.64 28.27 -26.81
C LEU I 36 -11.79 29.54 -27.12
N ASP I 37 -11.75 29.97 -28.38
CA ASP I 37 -10.95 31.13 -28.77
C ASP I 37 -11.16 32.33 -27.83
N ASN I 38 -12.41 32.76 -27.72
CA ASN I 38 -12.82 33.97 -26.97
C ASN I 38 -13.96 33.76 -25.96
N ARG I 39 -14.43 32.52 -25.83
CA ARG I 39 -15.52 32.19 -24.91
C ARG I 39 -15.11 30.99 -24.07
N GLN I 40 -15.80 30.81 -22.96
CA GLN I 40 -15.65 29.67 -22.08
C GLN I 40 -17.05 29.12 -21.89
N ILE I 41 -17.19 27.81 -21.87
CA ILE I 41 -18.49 27.18 -21.71
C ILE I 41 -18.39 26.12 -20.62
N GLU I 42 -19.23 26.29 -19.62
CA GLU I 42 -19.33 25.38 -18.50
C GLU I 42 -20.30 24.24 -18.83
N PHE I 43 -19.92 23.00 -18.52
CA PHE I 43 -20.77 21.87 -18.84
C PHE I 43 -20.49 20.68 -17.93
N TYR I 44 -21.37 19.69 -18.00
CA TYR I 44 -21.23 18.45 -17.25
C TYR I 44 -20.36 17.49 -18.02
N GLY I 45 -19.32 17.02 -17.37
CA GLY I 45 -18.52 15.98 -17.93
C GLY I 45 -17.38 15.60 -17.01
N ASN I 46 -16.56 14.69 -17.46
CA ASN I 46 -15.37 14.37 -16.72
C ASN I 46 -14.21 14.33 -17.69
N LEU I 47 -13.03 14.68 -17.22
CA LEU I 47 -11.87 14.81 -18.09
C LEU I 47 -11.41 13.51 -18.73
N LYS I 48 -11.55 12.41 -18.00
CA LYS I 48 -11.11 11.10 -18.48
C LYS I 48 -11.79 10.71 -19.79
N GLU I 49 -13.10 10.90 -19.83
CA GLU I 49 -13.90 10.68 -21.06
C GLU I 49 -13.48 11.53 -22.23
N LEU I 50 -13.12 12.79 -22.00
CA LEU I 50 -12.70 13.66 -23.09
C LEU I 50 -11.38 13.24 -23.68
N SER I 51 -10.45 12.78 -22.85
CA SER I 51 -9.13 12.37 -23.36
C SER I 51 -9.21 11.15 -24.28
N GLN I 52 -10.20 10.30 -24.02
CA GLN I 52 -10.47 9.13 -24.89
C GLN I 52 -11.27 9.40 -26.16
N LEU I 53 -11.79 10.61 -26.35
CA LEU I 53 -12.48 10.95 -27.60
C LEU I 53 -11.58 10.95 -28.82
N ASP I 54 -10.32 11.34 -28.66
CA ASP I 54 -9.45 11.61 -29.80
C ASP I 54 -8.01 11.77 -29.34
N ASP I 55 -7.09 11.38 -30.22
CA ASP I 55 -5.65 11.46 -29.96
C ASP I 55 -5.18 12.88 -29.69
N ARG I 56 -5.82 13.86 -30.34
CA ARG I 56 -5.45 15.26 -30.11
C ARG I 56 -5.68 15.74 -28.66
N PHE I 57 -6.62 15.10 -27.96
CA PHE I 57 -6.97 15.48 -26.60
C PHE I 57 -6.11 14.73 -25.62
N PHE I 58 -5.26 15.48 -24.91
CA PHE I 58 -4.27 14.87 -24.05
C PHE I 58 -4.40 15.36 -22.62
N ARG I 59 -4.42 14.41 -21.70
CA ARG I 59 -4.46 14.69 -20.29
C ARG I 59 -3.06 15.06 -19.77
N CYS I 60 -2.73 16.35 -19.84
CA CYS I 60 -1.41 16.85 -19.41
C CYS I 60 -1.29 17.11 -17.90
N HIS I 61 -2.38 16.97 -17.18
CA HIS I 61 -2.46 17.31 -15.76
C HIS I 61 -3.76 16.74 -15.26
N ASN I 62 -3.85 16.44 -13.97
CA ASN I 62 -5.10 15.98 -13.36
C ASN I 62 -6.32 16.86 -13.70
N SER I 63 -6.10 18.17 -13.79
CA SER I 63 -7.11 19.19 -13.94
C SER I 63 -7.28 19.71 -15.37
N PHE I 64 -6.48 19.25 -16.33
CA PHE I 64 -6.49 19.80 -17.70
C PHE I 64 -6.47 18.74 -18.78
N VAL I 65 -7.26 18.96 -19.82
CA VAL I 65 -7.15 18.21 -21.06
C VAL I 65 -6.95 19.21 -22.17
N VAL I 66 -5.82 19.09 -22.86
CA VAL I 66 -5.45 20.06 -23.91
C VAL I 66 -5.70 19.49 -25.29
N ASN I 67 -6.02 20.38 -26.21
CA ASN I 67 -6.11 20.04 -27.62
C ASN I 67 -4.75 20.30 -28.26
N ARG I 68 -4.01 19.24 -28.56
CA ARG I 68 -2.70 19.32 -29.24
C ARG I 68 -2.69 20.18 -30.49
N HIS I 69 -3.76 20.14 -31.27
CA HIS I 69 -3.85 20.98 -32.48
C HIS I 69 -3.82 22.47 -32.19
N ASN I 70 -4.15 22.87 -30.96
CA ASN I 70 -4.22 24.30 -30.65
C ASN I 70 -3.07 24.76 -29.77
N ILE I 71 -2.10 23.88 -29.53
CA ILE I 71 -0.92 24.26 -28.77
C ILE I 71 0.01 25.13 -29.64
N GLU I 72 0.39 26.30 -29.12
CA GLU I 72 1.34 27.20 -29.80
C GLU I 72 2.79 26.91 -29.37
N SER I 73 3.01 26.74 -28.08
CA SER I 73 4.33 26.33 -27.59
C SER I 73 4.27 25.72 -26.22
N ILE I 74 5.38 25.08 -25.84
CA ILE I 74 5.52 24.49 -24.52
C ILE I 74 6.83 24.96 -23.90
N ASP I 75 6.71 25.48 -22.68
CA ASP I 75 7.84 25.82 -21.84
C ASP I 75 7.98 24.64 -20.88
N SER I 76 8.77 23.64 -21.24
CA SER I 76 8.86 22.42 -20.41
C SER I 76 9.64 22.62 -19.10
N LYS I 77 10.46 23.67 -19.03
CA LYS I 77 11.13 24.04 -17.78
C LYS I 77 10.09 24.44 -16.74
N GLU I 78 9.28 25.44 -17.08
CA GLU I 78 8.18 25.90 -16.21
C GLU I 78 6.91 25.02 -16.29
N ARG I 79 6.85 24.12 -17.29
CA ARG I 79 5.70 23.22 -17.54
C ARG I 79 4.42 24.01 -17.87
N ILE I 80 4.57 24.95 -18.81
CA ILE I 80 3.46 25.81 -19.24
C ILE I 80 3.18 25.49 -20.70
N VAL I 81 1.90 25.29 -21.00
CA VAL I 81 1.42 25.01 -22.34
C VAL I 81 0.71 26.27 -22.78
N TYR I 82 1.16 26.85 -23.89
CA TYR I 82 0.61 28.06 -24.45
C TYR I 82 -0.22 27.70 -25.63
N PHE I 83 -1.35 28.37 -25.79
CA PHE I 83 -2.31 28.06 -26.85
C PHE I 83 -2.36 29.17 -27.84
N LYS I 84 -2.91 28.87 -29.02
CA LYS I 84 -2.95 29.84 -30.11
C LYS I 84 -3.78 31.08 -29.81
N ASN I 85 -4.74 30.98 -28.90
CA ASN I 85 -5.53 32.15 -28.47
C ASN I 85 -4.89 32.95 -27.35
N LYS I 86 -3.67 32.58 -26.95
CA LYS I 86 -2.86 33.23 -25.90
C LYS I 86 -3.24 32.87 -24.44
N GLU I 87 -4.14 31.90 -24.26
CA GLU I 87 -4.30 31.31 -22.93
C GLU I 87 -3.13 30.40 -22.68
N HIS I 88 -3.01 29.98 -21.44
CA HIS I 88 -2.10 28.93 -21.10
C HIS I 88 -2.67 28.08 -19.95
N CYS I 89 -2.10 26.89 -19.79
CA CYS I 89 -2.39 26.05 -18.64
C CYS I 89 -1.09 25.32 -18.27
N TYR I 90 -1.17 24.40 -17.31
CA TYR I 90 0.02 23.76 -16.75
C TYR I 90 -0.01 22.29 -17.02
N ALA I 91 1.18 21.74 -17.23
CA ALA I 91 1.36 20.31 -17.31
C ALA I 91 1.94 19.86 -15.97
N SER I 92 1.57 18.66 -15.56
CA SER I 92 2.11 18.12 -14.33
C SER I 92 3.52 17.58 -14.57
N VAL I 93 4.27 17.45 -13.48
CA VAL I 93 5.62 16.89 -13.53
C VAL I 93 5.59 15.51 -14.21
N ARG I 94 4.66 14.67 -13.83
CA ARG I 94 4.62 13.30 -14.34
C ARG I 94 4.12 13.15 -15.77
N ASN I 95 3.44 14.15 -16.33
CA ASN I 95 2.89 14.04 -17.70
C ASN I 95 3.57 14.95 -18.73
N VAL I 96 4.38 15.90 -18.26
CA VAL I 96 4.92 16.95 -19.14
C VAL I 96 5.71 16.39 -20.32
N LYS I 97 6.53 15.37 -20.06
CA LYS I 97 7.35 14.73 -21.10
C LYS I 97 6.51 14.11 -22.24
N LYS I 98 5.29 13.65 -21.93
CA LYS I 98 4.45 12.93 -22.89
C LYS I 98 3.62 13.83 -23.79
N GLU J 2 16.34 -12.33 40.62
CA GLU J 2 16.04 -11.77 39.27
C GLU J 2 16.68 -10.40 39.11
N THR J 3 17.76 -10.34 38.36
CA THR J 3 18.54 -9.14 38.30
C THR J 3 18.70 -8.78 36.85
N ILE J 4 18.79 -7.50 36.59
CA ILE J 4 18.96 -7.03 35.24
C ILE J 4 20.22 -6.18 35.23
N GLU J 5 20.98 -6.30 34.15
CA GLU J 5 22.15 -5.46 33.93
C GLU J 5 21.73 -4.30 33.04
N LEU J 6 21.84 -3.10 33.58
CA LEU J 6 21.63 -1.86 32.83
C LEU J 6 22.99 -1.40 32.31
N LYS J 7 23.23 -1.62 31.03
CA LYS J 7 24.52 -1.33 30.39
C LYS J 7 24.69 0.13 30.08
N ARG J 8 25.77 0.73 30.54
CA ARG J 8 26.03 2.15 30.29
C ARG J 8 27.44 2.34 29.73
N GLY J 9 27.74 1.76 28.58
CA GLY J 9 29.05 1.97 27.95
C GLY J 9 30.18 1.33 28.75
N SER J 10 31.03 2.15 29.36
CA SER J 10 32.08 1.63 30.26
C SER J 10 31.55 1.06 31.59
N ASN J 11 30.37 1.52 32.03
CA ASN J 11 29.76 1.09 33.30
C ASN J 11 28.65 0.09 33.07
N SER J 12 28.30 -0.62 34.14
CA SER J 12 27.01 -1.29 34.23
C SER J 12 26.46 -1.08 35.61
N VAL J 13 25.14 -1.07 35.72
CA VAL J 13 24.47 -1.03 36.99
C VAL J 13 23.57 -2.25 37.05
N TYR J 14 23.52 -2.90 38.20
CA TYR J 14 22.76 -4.13 38.37
C TYR J 14 21.65 -3.85 39.37
N VAL J 15 20.43 -4.17 38.96
CA VAL J 15 19.22 -3.84 39.70
C VAL J 15 18.32 -5.08 39.74
N GLN J 16 17.53 -5.21 40.79
CA GLN J 16 16.50 -6.25 40.86
C GLN J 16 15.28 -5.84 40.11
N TYR J 17 14.57 -6.80 39.56
CA TYR J 17 13.34 -6.52 38.82
C TYR J 17 12.39 -5.63 39.59
N ASP J 18 12.19 -5.93 40.87
CA ASP J 18 11.18 -5.22 41.66
C ASP J 18 11.70 -3.95 42.35
N ASP J 19 12.97 -3.61 42.12
CA ASP J 19 13.44 -2.23 42.34
C ASP J 19 12.86 -1.25 41.29
N ILE J 20 12.41 -1.79 40.17
CA ILE J 20 11.99 -0.98 39.03
C ILE J 20 10.50 -0.74 39.01
N MET J 21 10.10 0.53 38.97
CA MET J 21 8.69 0.92 38.77
C MET J 21 8.33 0.79 37.30
N PHE J 22 9.13 1.47 36.47
CA PHE J 22 8.96 1.48 35.03
C PHE J 22 10.22 1.94 34.32
N PHE J 23 10.23 1.66 33.02
CA PHE J 23 11.24 2.11 32.11
C PHE J 23 10.56 3.08 31.15
N GLU J 24 11.29 4.11 30.74
CA GLU J 24 10.83 4.97 29.68
C GLU J 24 11.97 5.29 28.74
N SER J 25 11.65 5.65 27.51
CA SER J 25 12.66 6.12 26.57
CA SER J 25 12.65 6.12 26.58
C SER J 25 13.25 7.42 27.09
N SER J 26 14.55 7.57 26.92
CA SER J 26 15.24 8.82 27.17
C SER J 26 15.04 9.71 25.92
N THR J 27 15.27 11.02 26.07
CA THR J 27 15.45 11.87 24.90
C THR J 27 16.85 11.68 24.28
N LYS J 28 17.80 11.09 24.98
CA LYS J 28 19.03 10.62 24.32
C LYS J 28 18.69 9.38 23.50
N SER J 29 18.97 9.45 22.21
CA SER J 29 18.69 8.36 21.30
C SER J 29 19.30 7.02 21.76
N HIS J 30 18.49 5.98 21.72
CA HIS J 30 18.90 4.60 22.14
C HIS J 30 19.18 4.42 23.61
N ARG J 31 18.78 5.38 24.42
CA ARG J 31 18.87 5.23 25.85
C ARG J 31 17.50 5.12 26.46
N LEU J 32 17.43 4.40 27.56
CA LEU J 32 16.22 4.31 28.35
C LEU J 32 16.53 4.80 29.74
N ILE J 33 15.48 5.07 30.50
CA ILE J 33 15.60 5.42 31.91
C ILE J 33 14.83 4.42 32.73
N ALA J 34 15.53 3.79 33.68
CA ALA J 34 14.90 2.93 34.66
C ALA J 34 14.53 3.81 35.85
N HIS J 35 13.24 3.82 36.16
CA HIS J 35 12.74 4.51 37.35
C HIS J 35 12.63 3.54 38.51
N LEU J 36 13.39 3.83 39.52
CA LEU J 36 13.54 3.05 40.72
C LEU J 36 12.78 3.84 41.82
N ASP J 37 12.78 3.34 43.05
CA ASP J 37 12.05 4.01 44.13
C ASP J 37 12.34 5.50 44.21
N ASN J 38 13.64 5.84 44.35
CA ASN J 38 14.10 7.22 44.56
C ASN J 38 15.21 7.68 43.60
N ARG J 39 15.60 6.81 42.66
CA ARG J 39 16.69 7.09 41.72
C ARG J 39 16.18 6.78 40.32
N GLN J 40 16.87 7.33 39.33
CA GLN J 40 16.64 7.06 37.92
C GLN J 40 18.00 6.69 37.37
N ILE J 41 18.04 5.70 36.48
CA ILE J 41 19.30 5.29 35.88
C ILE J 41 19.13 5.22 34.38
N GLU J 42 19.97 5.94 33.68
CA GLU J 42 20.00 5.99 32.25
C GLU J 42 20.89 4.87 31.71
N PHE J 43 20.44 4.17 30.67
CA PHE J 43 21.20 3.06 30.13
C PHE J 43 20.84 2.78 28.66
N TYR J 44 21.64 1.94 28.03
CA TYR J 44 21.41 1.51 26.67
C TYR J 44 20.48 0.34 26.65
N GLY J 45 19.41 0.47 25.90
CA GLY J 45 18.55 -0.65 25.68
C GLY J 45 17.39 -0.28 24.78
N ASN J 46 16.51 -1.23 24.58
CA ASN J 46 15.28 -0.95 23.87
C ASN J 46 14.12 -1.55 24.65
N LEU J 47 12.98 -0.91 24.57
CA LEU J 47 11.84 -1.31 25.36
C LEU J 47 11.27 -2.70 25.02
N LYS J 48 11.33 -3.05 23.75
CA LYS J 48 10.79 -4.34 23.27
C LYS J 48 11.46 -5.52 23.98
N GLU J 49 12.78 -5.46 24.05
CA GLU J 49 13.58 -6.44 24.78
C GLU J 49 13.20 -6.58 26.27
N LEU J 50 12.94 -5.47 26.93
CA LEU J 50 12.59 -5.50 28.35
C LEU J 50 11.22 -6.12 28.59
N SER J 51 10.27 -5.89 27.69
CA SER J 51 8.93 -6.45 27.89
C SER J 51 8.93 -7.98 27.78
N GLN J 52 9.85 -8.52 26.99
CA GLN J 52 10.04 -9.97 26.84
C GLN J 52 10.86 -10.64 27.95
N LEU J 53 11.46 -9.89 28.86
CA LEU J 53 12.16 -10.48 30.00
C LEU J 53 11.26 -11.24 30.96
N ASP J 54 10.03 -10.77 31.15
CA ASP J 54 9.19 -11.27 32.23
C ASP J 54 7.77 -10.77 32.06
N ASP J 55 6.82 -11.60 32.51
CA ASP J 55 5.39 -11.28 32.42
C ASP J 55 5.03 -10.03 33.19
N ARG J 56 5.73 -9.74 34.27
CA ARG J 56 5.45 -8.52 35.04
C ARG J 56 5.73 -7.22 34.26
N PHE J 57 6.62 -7.29 33.27
CA PHE J 57 7.00 -6.13 32.46
C PHE J 57 6.09 -6.00 31.28
N PHE J 58 5.29 -4.94 31.26
CA PHE J 58 4.26 -4.80 30.26
C PHE J 58 4.42 -3.50 29.51
N ARG J 59 4.37 -3.62 28.18
CA ARG J 59 4.43 -2.48 27.29
C ARG J 59 3.07 -1.79 27.22
N CYS J 60 2.82 -0.85 28.12
CA CYS J 60 1.54 -0.13 28.19
C CYS J 60 1.43 1.06 27.23
N HIS J 61 2.52 1.37 26.54
CA HIS J 61 2.62 2.56 25.69
C HIS J 61 3.88 2.40 24.86
N ASN J 62 3.93 3.01 23.69
CA ASN J 62 5.15 3.01 22.87
C ASN J 62 6.44 3.39 23.65
N SER J 63 6.30 4.34 24.58
CA SER J 63 7.38 4.94 25.32
C SER J 63 7.60 4.40 26.73
N PHE J 64 6.76 3.46 27.18
CA PHE J 64 6.81 2.97 28.58
C PHE J 64 6.72 1.47 28.71
N VAL J 65 7.53 0.92 29.59
CA VAL J 65 7.35 -0.46 30.06
C VAL J 65 7.24 -0.43 31.56
N VAL J 66 6.10 -0.91 32.05
CA VAL J 66 5.79 -0.84 33.48
C VAL J 66 6.01 -2.18 34.16
N ASN J 67 6.38 -2.14 35.42
CA ASN J 67 6.44 -3.32 36.25
C ASN J 67 5.12 -3.47 36.98
N ARG J 68 4.29 -4.42 36.54
CA ARG J 68 2.99 -4.75 37.16
C ARG J 68 3.04 -4.93 38.68
N HIS J 69 4.11 -5.51 39.19
CA HIS J 69 4.27 -5.67 40.64
C HIS J 69 4.33 -4.35 41.40
N ASN J 70 4.69 -3.26 40.73
CA ASN J 70 4.86 -1.99 41.42
C ASN J 70 3.75 -1.00 41.09
N ILE J 71 2.72 -1.47 40.39
CA ILE J 71 1.57 -0.62 40.12
C ILE J 71 0.71 -0.48 41.39
N GLU J 72 0.41 0.75 41.77
CA GLU J 72 -0.48 1.04 42.91
C GLU J 72 -1.93 1.17 42.48
N SER J 73 -2.19 1.91 41.41
CA SER J 73 -3.52 1.98 40.82
C SER J 73 -3.51 2.43 39.39
N ILE J 74 -4.65 2.23 38.74
CA ILE J 74 -4.85 2.66 37.35
C ILE J 74 -6.12 3.50 37.25
N ASP J 75 -5.96 4.67 36.66
CA ASP J 75 -7.07 5.54 36.30
C ASP J 75 -7.28 5.29 34.82
N SER J 76 -8.14 4.33 34.48
CA SER J 76 -8.33 3.95 33.06
C SER J 76 -9.08 5.00 32.23
N LYS J 77 -9.83 5.89 32.89
CA LYS J 77 -10.48 7.01 32.22
C LYS J 77 -9.41 7.94 31.64
N GLU J 78 -8.53 8.43 32.51
CA GLU J 78 -7.41 9.29 32.10
C GLU J 78 -6.21 8.50 31.53
N ARG J 79 -6.21 7.17 31.69
CA ARG J 79 -5.12 6.28 31.25
C ARG J 79 -3.78 6.57 31.96
N ILE J 80 -3.86 6.70 33.28
CA ILE J 80 -2.70 7.00 34.11
C ILE J 80 -2.44 5.80 35.02
N VAL J 81 -1.18 5.38 35.04
CA VAL J 81 -0.72 4.27 35.86
C VAL J 81 0.09 4.91 36.98
N TYR J 82 -0.33 4.63 38.21
CA TYR J 82 0.31 5.16 39.41
C TYR J 82 1.10 4.06 40.02
N PHE J 83 2.29 4.41 40.53
CA PHE J 83 3.22 3.43 41.07
C PHE J 83 3.35 3.62 42.56
N LYS J 84 3.88 2.60 43.22
CA LYS J 84 3.98 2.60 44.68
C LYS J 84 4.89 3.70 45.23
N ASN J 85 5.85 4.15 44.42
CA ASN J 85 6.74 5.28 44.83
C ASN J 85 6.14 6.67 44.54
N LYS J 86 4.90 6.69 44.05
CA LYS J 86 4.13 7.92 43.72
C LYS J 86 4.50 8.59 42.37
N GLU J 87 5.31 7.94 41.55
CA GLU J 87 5.43 8.34 40.16
C GLU J 87 4.19 7.88 39.43
N HIS J 88 4.05 8.38 38.22
CA HIS J 88 3.06 7.87 37.31
C HIS J 88 3.58 7.94 35.87
N CYS J 89 2.93 7.18 34.99
CA CYS J 89 3.14 7.28 33.56
C CYS J 89 1.81 7.04 32.86
N TYR J 90 1.81 6.96 31.54
CA TYR J 90 0.60 6.91 30.74
C TYR J 90 0.52 5.61 30.00
N ALA J 91 -0.70 5.13 29.85
CA ALA J 91 -0.99 4.00 28.99
C ALA J 91 -1.60 4.56 27.71
N SER J 92 -1.32 3.90 26.60
CA SER J 92 -1.89 4.31 25.34
C SER J 92 -3.33 3.82 25.23
N VAL J 93 -4.09 4.46 24.36
CA VAL J 93 -5.47 4.07 24.09
C VAL J 93 -5.53 2.59 23.72
N ARG J 94 -4.65 2.15 22.83
CA ARG J 94 -4.71 0.79 22.32
C ARG J 94 -4.22 -0.28 23.28
N ASN J 95 -3.49 0.08 24.33
CA ASN J 95 -2.94 -0.91 25.28
C ASN J 95 -3.55 -0.89 26.66
N VAL J 96 -4.30 0.18 26.98
CA VAL J 96 -4.75 0.44 28.36
C VAL J 96 -5.58 -0.71 28.92
N LYS J 97 -6.48 -1.27 28.12
CA LYS J 97 -7.33 -2.40 28.54
C LYS J 97 -6.55 -3.65 28.95
N LYS J 98 -5.38 -3.86 28.34
CA LYS J 98 -4.59 -5.07 28.55
C LYS J 98 -3.65 -5.06 29.77
N ILE J 99 -3.62 -3.97 30.55
CA ILE J 99 -2.64 -3.86 31.66
C ILE J 99 -2.89 -4.89 32.78
N GLU K 2 1.65 -5.17 3.58
CA GLU K 2 1.25 -4.71 2.23
C GLU K 2 1.85 -5.64 1.18
N THR K 3 2.40 -5.10 0.13
CA THR K 3 2.79 -5.87 -1.00
C THR K 3 4.23 -5.58 -1.27
N ILE K 4 4.93 -6.57 -1.80
CA ILE K 4 6.32 -6.40 -2.14
C ILE K 4 6.48 -6.78 -3.60
N GLU K 5 7.29 -6.01 -4.31
CA GLU K 5 7.63 -6.32 -5.69
C GLU K 5 8.94 -7.10 -5.68
N LEU K 6 8.87 -8.33 -6.17
CA LEU K 6 10.03 -9.17 -6.39
C LEU K 6 10.48 -8.98 -7.85
N LYS K 7 11.55 -8.22 -8.04
CA LYS K 7 12.05 -7.85 -9.37
C LYS K 7 12.84 -8.96 -10.00
N ARG K 8 12.47 -9.36 -11.20
CA ARG K 8 13.19 -10.42 -11.90
C ARG K 8 13.56 -9.96 -13.31
N GLY K 9 14.36 -8.93 -13.46
CA GLY K 9 14.81 -8.52 -14.80
C GLY K 9 13.68 -7.99 -15.66
N SER K 10 13.31 -8.73 -16.71
CA SER K 10 12.14 -8.36 -17.53
C SER K 10 10.78 -8.50 -16.80
N ASN K 11 10.71 -9.38 -15.80
CA ASN K 11 9.48 -9.66 -15.04
C ASN K 11 9.49 -9.00 -13.68
N SER K 12 8.31 -8.89 -13.09
CA SER K 12 8.17 -8.70 -11.66
C SER K 12 7.05 -9.59 -11.15
N VAL K 13 7.16 -10.02 -9.91
CA VAL K 13 6.10 -10.75 -9.26
C VAL K 13 5.75 -9.95 -8.00
N TYR K 14 4.46 -9.87 -7.72
CA TYR K 14 3.96 -9.09 -6.60
C TYR K 14 3.31 -10.03 -5.62
N VAL K 15 3.75 -9.94 -4.37
CA VAL K 15 3.36 -10.87 -3.32
C VAL K 15 3.01 -10.07 -2.07
N GLN K 16 2.10 -10.60 -1.26
CA GLN K 16 1.81 -10.01 0.04
C GLN K 16 2.83 -10.44 1.06
N TYR K 17 3.07 -9.58 2.03
CA TYR K 17 4.03 -9.87 3.10
C TYR K 17 3.78 -11.24 3.72
N ASP K 18 2.53 -11.54 4.02
CA ASP K 18 2.20 -12.77 4.76
C ASP K 18 1.98 -13.99 3.87
N ASP K 19 2.14 -13.83 2.56
CA ASP K 19 2.38 -14.99 1.66
C ASP K 19 3.78 -15.60 1.88
N ILE K 20 4.68 -14.81 2.46
CA ILE K 20 6.09 -15.17 2.58
C ILE K 20 6.41 -15.80 3.91
N MET K 21 6.98 -17.01 3.89
CA MET K 21 7.50 -17.68 5.08
C MET K 21 8.86 -17.08 5.44
N PHE K 22 9.76 -17.11 4.46
CA PHE K 22 11.11 -16.60 4.59
C PHE K 22 11.75 -16.36 3.23
N PHE K 23 12.82 -15.58 3.28
CA PHE K 23 13.69 -15.31 2.17
C PHE K 23 15.02 -15.98 2.48
N GLU K 24 15.68 -16.50 1.45
CA GLU K 24 17.04 -16.96 1.58
C GLU K 24 17.85 -16.53 0.37
N SER K 25 19.16 -16.44 0.55
CA SER K 25 20.05 -16.20 -0.58
CA SER K 25 20.04 -16.19 -0.57
C SER K 25 19.98 -17.36 -1.57
N SER K 26 20.00 -17.04 -2.84
CA SER K 26 20.14 -18.03 -3.90
C SER K 26 21.63 -18.39 -4.04
N THR K 27 21.93 -19.52 -4.69
CA THR K 27 23.29 -19.76 -5.16
C THR K 27 23.59 -18.93 -6.43
N LYS K 28 22.58 -18.41 -7.12
CA LYS K 28 22.84 -17.39 -8.15
C LYS K 28 23.18 -16.08 -7.45
N SER K 29 24.35 -15.55 -7.78
CA SER K 29 24.83 -14.32 -7.18
C SER K 29 23.82 -13.15 -7.30
N HIS K 30 23.59 -12.47 -6.20
CA HIS K 30 22.65 -11.32 -6.12
C HIS K 30 21.19 -11.65 -6.30
N ARG K 31 20.86 -12.93 -6.22
CA ARG K 31 19.47 -13.34 -6.21
C ARG K 31 19.09 -13.88 -4.87
N LEU K 32 17.81 -13.71 -4.53
CA LEU K 32 17.23 -14.29 -3.35
C LEU K 32 16.10 -15.19 -3.77
N ILE K 33 15.66 -16.03 -2.84
CA ILE K 33 14.48 -16.87 -3.04
C ILE K 33 13.45 -16.54 -1.96
N ALA K 34 12.26 -16.18 -2.40
CA ALA K 34 11.13 -16.01 -1.52
C ALA K 34 10.42 -17.35 -1.41
N HIS K 35 10.32 -17.86 -0.19
CA HIS K 35 9.56 -19.07 0.07
C HIS K 35 8.17 -18.71 0.52
N LEU K 36 7.23 -19.15 -0.28
CA LEU K 36 5.81 -18.92 -0.15
C LEU K 36 5.20 -20.27 0.33
N ASP K 37 3.89 -20.31 0.51
CA ASP K 37 3.25 -21.53 1.00
C ASP K 37 3.72 -22.79 0.25
N ASN K 38 3.52 -22.78 -1.07
CA ASN K 38 3.79 -23.93 -1.96
C ASN K 38 4.68 -23.62 -3.16
N ARG K 39 5.13 -22.37 -3.28
CA ARG K 39 5.96 -21.94 -4.41
C ARG K 39 7.19 -21.23 -3.86
N GLN K 40 8.20 -21.13 -4.71
CA GLN K 40 9.42 -20.40 -4.42
C GLN K 40 9.60 -19.48 -5.60
N ILE K 41 10.04 -18.24 -5.34
CA ILE K 41 10.25 -17.28 -6.41
C ILE K 41 11.62 -16.67 -6.25
N GLU K 42 12.40 -16.80 -7.31
CA GLU K 42 13.73 -16.24 -7.38
C GLU K 42 13.68 -14.80 -7.88
N PHE K 43 14.43 -13.91 -7.25
CA PHE K 43 14.41 -12.50 -7.62
C PHE K 43 15.69 -11.77 -7.23
N TYR K 44 15.84 -10.56 -7.74
CA TYR K 44 16.98 -9.71 -7.41
C TYR K 44 16.69 -8.94 -6.15
N GLY K 45 17.57 -9.07 -5.20
CA GLY K 45 17.49 -8.25 -4.01
C GLY K 45 18.62 -8.55 -3.05
N ASN K 46 18.58 -7.90 -1.91
CA ASN K 46 19.50 -8.20 -0.85
C ASN K 46 18.73 -8.32 0.46
N LEU K 47 19.21 -9.18 1.34
CA LEU K 47 18.50 -9.47 2.57
C LEU K 47 18.38 -8.29 3.52
N LYS K 48 19.41 -7.45 3.57
CA LYS K 48 19.45 -6.30 4.49
C LYS K 48 18.25 -5.36 4.25
N GLU K 49 18.00 -5.07 2.98
CA GLU K 49 16.84 -4.27 2.56
C GLU K 49 15.50 -4.85 2.98
N LEU K 50 15.35 -6.16 2.90
CA LEU K 50 14.10 -6.81 3.28
C LEU K 50 13.84 -6.74 4.76
N SER K 51 14.88 -6.87 5.57
CA SER K 51 14.69 -6.84 7.04
C SER K 51 14.24 -5.46 7.53
N GLN K 52 14.61 -4.41 6.79
CA GLN K 52 14.17 -3.04 7.09
C GLN K 52 12.77 -2.66 6.58
N LEU K 53 12.13 -3.53 5.77
CA LEU K 53 10.78 -3.25 5.32
C LEU K 53 9.72 -3.23 6.43
N ASP K 54 9.91 -4.07 7.45
CA ASP K 54 8.86 -4.31 8.43
C ASP K 54 9.40 -5.09 9.62
N ASP K 55 8.83 -4.82 10.79
CA ASP K 55 9.23 -5.48 12.03
C ASP K 55 9.03 -6.98 11.99
N ARG K 56 8.05 -7.46 11.24
CA ARG K 56 7.86 -8.92 11.13
C ARG K 56 9.02 -9.65 10.44
N PHE K 57 9.78 -8.93 9.60
CA PHE K 57 10.89 -9.51 8.85
C PHE K 57 12.16 -9.40 9.65
N PHE K 58 12.68 -10.55 10.05
CA PHE K 58 13.80 -10.57 10.97
C PHE K 58 14.96 -11.35 10.38
N ARG K 59 16.12 -10.74 10.44
CA ARG K 59 17.36 -11.35 9.99
C ARG K 59 17.88 -12.31 11.08
N CYS K 60 17.44 -13.56 11.02
CA CYS K 60 17.83 -14.58 12.01
C CYS K 60 19.17 -15.26 11.72
N HIS K 61 19.77 -14.96 10.58
CA HIS K 61 20.97 -15.62 10.08
C HIS K 61 21.48 -14.77 8.93
N ASN K 62 22.77 -14.83 8.65
CA ASN K 62 23.35 -14.15 7.49
C ASN K 62 22.60 -14.43 6.18
N SER K 63 22.12 -15.65 6.01
CA SER K 63 21.52 -16.18 4.80
C SER K 63 19.99 -16.20 4.80
N PHE K 64 19.34 -15.81 5.90
CA PHE K 64 17.87 -15.93 6.03
C PHE K 64 17.22 -14.69 6.60
N VAL K 65 16.07 -14.33 6.02
CA VAL K 65 15.16 -13.37 6.64
C VAL K 65 13.82 -14.04 6.77
N VAL K 66 13.34 -14.14 8.01
CA VAL K 66 12.10 -14.87 8.31
C VAL K 66 10.94 -13.90 8.55
N ASN K 67 9.76 -14.34 8.20
CA ASN K 67 8.55 -13.63 8.54
C ASN K 67 8.01 -14.17 9.87
N ARG K 68 8.18 -13.40 10.94
CA ARG K 68 7.67 -13.75 12.29
C ARG K 68 6.19 -14.18 12.32
N HIS K 69 5.36 -13.57 11.50
CA HIS K 69 3.95 -13.97 11.44
C HIS K 69 3.74 -15.40 10.96
N ASN K 70 4.71 -15.97 10.26
CA ASN K 70 4.52 -17.30 9.70
C ASN K 70 5.34 -18.35 10.42
N ILE K 71 5.96 -17.97 11.53
CA ILE K 71 6.69 -18.93 12.35
C ILE K 71 5.70 -19.80 13.14
N GLU K 72 5.85 -21.12 13.03
CA GLU K 72 5.02 -22.07 13.79
C GLU K 72 5.69 -22.43 15.13
N SER K 73 6.98 -22.73 15.10
CA SER K 73 7.74 -22.94 16.35
C SER K 73 9.22 -22.74 16.17
N ILE K 74 9.92 -22.64 17.30
CA ILE K 74 11.35 -22.52 17.33
C ILE K 74 11.95 -23.57 18.27
N ASP K 75 12.90 -24.31 17.74
CA ASP K 75 13.71 -25.24 18.50
C ASP K 75 15.02 -24.49 18.76
N SER K 76 15.09 -23.76 19.88
CA SER K 76 16.27 -22.91 20.14
C SER K 76 17.53 -23.71 20.51
N LYS K 77 17.36 -24.96 20.96
CA LYS K 77 18.50 -25.84 21.19
C LYS K 77 19.22 -26.12 19.88
N GLU K 78 18.48 -26.65 18.91
CA GLU K 78 19.02 -26.91 17.56
C GLU K 78 19.06 -25.65 16.66
N ARG K 79 18.42 -24.56 17.09
CA ARG K 79 18.34 -23.28 16.32
C ARG K 79 17.61 -23.45 14.98
N ILE K 80 16.46 -24.11 15.04
CA ILE K 80 15.65 -24.38 13.86
C ILE K 80 14.33 -23.62 14.01
N VAL K 81 13.99 -22.90 12.94
CA VAL K 81 12.75 -22.14 12.87
C VAL K 81 11.85 -22.90 11.93
N TYR K 82 10.67 -23.28 12.43
CA TYR K 82 9.69 -24.03 11.68
C TYR K 82 8.60 -23.09 11.28
N PHE K 83 8.10 -23.26 10.07
CA PHE K 83 7.09 -22.36 9.50
C PHE K 83 5.79 -23.06 9.34
N LYS K 84 4.73 -22.28 9.17
CA LYS K 84 3.37 -22.84 9.10
C LYS K 84 3.14 -23.74 7.89
N ASN K 85 3.92 -23.56 6.82
CA ASN K 85 3.84 -24.44 5.65
C ASN K 85 4.72 -25.69 5.75
N LYS K 86 5.35 -25.89 6.91
CA LYS K 86 6.22 -27.05 7.24
C LYS K 86 7.66 -26.99 6.66
N GLU K 87 8.04 -25.85 6.10
CA GLU K 87 9.46 -25.62 5.82
C GLU K 87 10.13 -25.28 7.12
N HIS K 88 11.45 -25.28 7.08
CA HIS K 88 12.23 -24.75 8.16
C HIS K 88 13.52 -24.10 7.63
N CYS K 89 14.12 -23.27 8.47
CA CYS K 89 15.43 -22.72 8.21
C CYS K 89 16.17 -22.61 9.55
N TYR K 90 17.36 -22.01 9.54
CA TYR K 90 18.24 -22.00 10.71
C TYR K 90 18.46 -20.60 11.18
N ALA K 91 18.57 -20.47 12.49
CA ALA K 91 18.99 -19.22 13.10
C ALA K 91 20.46 -19.37 13.48
N SER K 92 21.19 -18.28 13.41
CA SER K 92 22.58 -18.29 13.80
C SER K 92 22.70 -18.23 15.32
N VAL K 93 23.84 -18.67 15.82
CA VAL K 93 24.13 -18.62 17.26
C VAL K 93 23.93 -17.19 17.80
N ARG K 94 24.46 -16.21 17.09
CA ARG K 94 24.41 -14.84 17.58
C ARG K 94 23.07 -14.15 17.47
N ASN K 95 22.14 -14.67 16.66
CA ASN K 95 20.82 -14.02 16.47
C ASN K 95 19.65 -14.78 17.05
N VAL K 96 19.86 -16.05 17.43
CA VAL K 96 18.77 -16.94 17.81
C VAL K 96 17.93 -16.41 18.97
N LYS K 97 18.60 -15.85 19.98
CA LYS K 97 17.92 -15.28 21.16
C LYS K 97 16.95 -14.13 20.82
N LYS K 98 17.27 -13.38 19.76
CA LYS K 98 16.50 -12.19 19.40
C LYS K 98 15.26 -12.42 18.53
N ILE K 99 14.95 -13.67 18.16
CA ILE K 99 13.86 -13.94 17.22
C ILE K 99 12.48 -13.58 17.78
N GLU L 2 0.36 -0.93 -7.26
CA GLU L 2 -1.13 -0.84 -7.28
C GLU L 2 -1.76 -2.20 -7.10
N THR L 3 -2.27 -2.48 -5.93
CA THR L 3 -2.71 -3.80 -5.61
C THR L 3 -4.13 -3.71 -5.12
N ILE L 4 -4.89 -4.74 -5.37
CA ILE L 4 -6.27 -4.79 -4.94
C ILE L 4 -6.44 -6.04 -4.11
N GLU L 5 -7.21 -5.91 -3.03
CA GLU L 5 -7.57 -7.05 -2.20
C GLU L 5 -8.91 -7.56 -2.66
N LEU L 6 -8.92 -8.80 -3.12
CA LEU L 6 -10.13 -9.52 -3.48
C LEU L 6 -10.57 -10.34 -2.25
N LYS L 7 -11.58 -9.84 -1.54
CA LYS L 7 -12.05 -10.44 -0.29
C LYS L 7 -12.90 -11.66 -0.52
N ARG L 8 -12.56 -12.78 0.09
CA ARG L 8 -13.35 -14.01 -0.07
C ARG L 8 -13.67 -14.58 1.30
N GLY L 9 -14.41 -13.88 2.14
CA GLY L 9 -14.84 -14.46 3.43
C GLY L 9 -13.66 -14.68 4.36
N SER L 10 -13.34 -15.94 4.64
CA SER L 10 -12.13 -16.27 5.44
C SER L 10 -10.79 -15.95 4.74
N ASN L 11 -10.78 -15.94 3.41
CA ASN L 11 -9.57 -15.69 2.61
C ASN L 11 -9.55 -14.30 2.04
N SER L 12 -8.37 -13.87 1.61
CA SER L 12 -8.23 -12.78 0.67
C SER L 12 -7.16 -13.15 -0.35
N VAL L 13 -7.31 -12.64 -1.56
CA VAL L 13 -6.30 -12.78 -2.58
C VAL L 13 -5.91 -11.38 -3.00
N TYR L 14 -4.61 -11.17 -3.20
CA TYR L 14 -4.06 -9.87 -3.53
C TYR L 14 -3.49 -9.95 -4.93
N VAL L 15 -3.92 -9.02 -5.78
CA VAL L 15 -3.60 -9.02 -7.19
C VAL L 15 -3.20 -7.60 -7.59
N GLN L 16 -2.33 -7.50 -8.60
CA GLN L 16 -1.99 -6.20 -9.19
C GLN L 16 -3.06 -5.78 -10.18
N TYR L 17 -3.25 -4.48 -10.30
CA TYR L 17 -4.22 -3.94 -11.25
C TYR L 17 -4.07 -4.55 -12.64
N ASP L 18 -2.83 -4.62 -13.12
CA ASP L 18 -2.60 -5.05 -14.51
C ASP L 18 -2.45 -6.56 -14.68
N ASP L 19 -2.58 -7.32 -13.59
CA ASP L 19 -2.89 -8.76 -13.69
C ASP L 19 -4.33 -9.00 -14.19
N ILE L 20 -5.19 -8.00 -14.05
CA ILE L 20 -6.61 -8.13 -14.32
C ILE L 20 -6.98 -7.68 -15.73
N MET L 21 -7.62 -8.58 -16.47
CA MET L 21 -8.18 -8.25 -17.79
C MET L 21 -9.51 -7.51 -17.60
N PHE L 22 -10.40 -8.16 -16.85
CA PHE L 22 -11.71 -7.62 -16.54
C PHE L 22 -12.34 -8.32 -15.34
N PHE L 23 -13.36 -7.67 -14.82
CA PHE L 23 -14.20 -8.18 -13.77
C PHE L 23 -15.57 -8.40 -14.39
N GLU L 24 -16.25 -9.45 -13.95
CA GLU L 24 -17.64 -9.65 -14.30
C GLU L 24 -18.42 -10.10 -13.07
N SER L 25 -19.73 -9.87 -13.09
CA SER L 25 -20.59 -10.40 -12.04
CA SER L 25 -20.59 -10.39 -12.02
C SER L 25 -20.59 -11.92 -12.10
N SER L 26 -20.58 -12.54 -10.94
CA SER L 26 -20.77 -13.97 -10.81
C SER L 26 -22.29 -14.25 -10.87
N THR L 27 -22.67 -15.48 -11.13
CA THR L 27 -24.04 -15.91 -10.88
C THR L 27 -24.29 -16.14 -9.38
N LYS L 28 -23.25 -16.27 -8.55
CA LYS L 28 -23.44 -16.18 -7.10
C LYS L 28 -23.68 -14.72 -6.73
N SER L 29 -24.81 -14.47 -6.09
CA SER L 29 -25.21 -13.15 -5.69
C SER L 29 -24.13 -12.43 -4.86
N HIS L 30 -23.85 -11.18 -5.22
CA HIS L 30 -22.84 -10.34 -4.54
C HIS L 30 -21.40 -10.79 -4.69
N ARG L 31 -21.16 -11.69 -5.63
CA ARG L 31 -19.81 -12.06 -5.98
C ARG L 31 -19.47 -11.58 -7.36
N LEU L 32 -18.19 -11.30 -7.55
CA LEU L 32 -17.64 -10.96 -8.85
C LEU L 32 -16.57 -11.96 -9.19
N ILE L 33 -16.17 -11.98 -10.45
CA ILE L 33 -15.06 -12.78 -10.91
C ILE L 33 -14.02 -11.87 -11.54
N ALA L 34 -12.80 -11.95 -11.02
CA ALA L 34 -11.67 -11.28 -11.61
C ALA L 34 -11.05 -12.24 -12.62
N HIS L 35 -10.98 -11.80 -13.88
CA HIS L 35 -10.30 -12.56 -14.92
C HIS L 35 -8.89 -12.05 -15.07
N LEU L 36 -7.97 -12.95 -14.81
CA LEU L 36 -6.55 -12.75 -14.82
C LEU L 36 -6.02 -13.45 -16.10
N ASP L 37 -4.73 -13.42 -16.33
CA ASP L 37 -4.16 -14.02 -17.53
C ASP L 37 -4.69 -15.44 -17.79
N ASN L 38 -4.50 -16.33 -16.80
CA ASN L 38 -4.84 -17.76 -16.91
C ASN L 38 -5.69 -18.30 -15.77
N ARG L 39 -6.08 -17.43 -14.83
CA ARG L 39 -6.87 -17.83 -13.65
C ARG L 39 -8.06 -16.89 -13.55
N GLN L 40 -9.06 -17.34 -12.81
CA GLN L 40 -10.23 -16.55 -12.47
C GLN L 40 -10.35 -16.65 -10.97
N ILE L 41 -10.71 -15.55 -10.31
CA ILE L 41 -10.85 -15.54 -8.87
C ILE L 41 -12.18 -14.92 -8.52
N GLU L 42 -12.97 -15.68 -7.78
CA GLU L 42 -14.26 -15.26 -7.30
C GLU L 42 -14.11 -14.53 -5.97
N PHE L 43 -14.81 -13.41 -5.81
CA PHE L 43 -14.70 -12.62 -4.59
C PHE L 43 -15.94 -11.77 -4.34
N TYR L 44 -16.01 -11.20 -3.14
CA TYR L 44 -17.08 -10.30 -2.77
C TYR L 44 -16.76 -8.91 -3.19
N GLY L 45 -17.65 -8.31 -3.95
CA GLY L 45 -17.53 -6.92 -4.30
C GLY L 45 -18.69 -6.47 -5.16
N ASN L 46 -18.62 -5.22 -5.57
CA ASN L 46 -19.55 -4.70 -6.54
C ASN L 46 -18.80 -3.93 -7.61
N LEU L 47 -19.34 -3.96 -8.82
CA LEU L 47 -18.65 -3.37 -9.96
C LEU L 47 -18.46 -1.86 -9.88
N LYS L 48 -19.44 -1.18 -9.31
CA LYS L 48 -19.41 0.29 -9.21
C LYS L 48 -18.16 0.78 -8.44
N GLU L 49 -17.89 0.13 -7.33
CA GLU L 49 -16.68 0.37 -6.53
C GLU L 49 -15.38 0.18 -7.30
N LEU L 50 -15.31 -0.85 -8.13
CA LEU L 50 -14.10 -1.12 -8.89
C LEU L 50 -13.85 -0.08 -9.97
N SER L 51 -14.90 0.42 -10.61
CA SER L 51 -14.70 1.41 -11.67
C SER L 51 -14.19 2.75 -11.14
N GLN L 52 -14.49 3.04 -9.87
CA GLN L 52 -13.97 4.22 -9.18
C GLN L 52 -12.55 4.09 -8.61
N LEU L 53 -11.96 2.90 -8.63
CA LEU L 53 -10.58 2.73 -8.17
C LEU L 53 -9.56 3.46 -9.04
N ASP L 54 -9.78 3.52 -10.34
CA ASP L 54 -8.75 3.96 -11.27
C ASP L 54 -9.34 4.20 -12.66
N ASP L 55 -8.77 5.16 -13.37
CA ASP L 55 -9.21 5.52 -14.72
C ASP L 55 -9.11 4.38 -15.70
N ARG L 56 -8.15 3.49 -15.51
CA ARG L 56 -8.04 2.32 -16.40
C ARG L 56 -9.24 1.37 -16.33
N PHE L 57 -9.95 1.36 -15.21
CA PHE L 57 -11.09 0.47 -14.98
C PHE L 57 -12.35 1.15 -15.45
N PHE L 58 -12.95 0.58 -16.49
CA PHE L 58 -14.08 1.22 -17.14
C PHE L 58 -15.28 0.30 -17.18
N ARG L 59 -16.40 0.84 -16.76
CA ARG L 59 -17.67 0.15 -16.79
C ARG L 59 -18.26 0.18 -18.21
N CYS L 60 -17.89 -0.80 -19.02
CA CYS L 60 -18.34 -0.89 -20.42
C CYS L 60 -19.72 -1.53 -20.61
N HIS L 61 -20.29 -2.04 -19.53
CA HIS L 61 -21.53 -2.80 -19.55
C HIS L 61 -21.98 -2.93 -18.11
N ASN L 62 -23.27 -3.10 -17.89
CA ASN L 62 -23.80 -3.35 -16.53
C ASN L 62 -23.06 -4.47 -15.77
N SER L 63 -22.65 -5.50 -16.50
CA SER L 63 -22.08 -6.72 -15.97
C SER L 63 -20.56 -6.81 -16.04
N PHE L 64 -19.89 -5.81 -16.62
CA PHE L 64 -18.43 -5.88 -16.86
C PHE L 64 -17.71 -4.61 -16.49
N VAL L 65 -16.54 -4.77 -15.88
CA VAL L 65 -15.58 -3.69 -15.74
C VAL L 65 -14.28 -4.15 -16.33
N VAL L 66 -13.81 -3.41 -17.34
CA VAL L 66 -12.63 -3.81 -18.10
C VAL L 66 -11.41 -2.98 -17.69
N ASN L 67 -10.25 -3.59 -17.78
CA ASN L 67 -9.01 -2.89 -17.60
C ASN L 67 -8.51 -2.43 -18.98
N ARG L 68 -8.63 -1.13 -19.24
CA ARG L 68 -8.15 -0.50 -20.50
C ARG L 68 -6.72 -0.87 -20.89
N HIS L 69 -5.84 -1.00 -19.89
CA HIS L 69 -4.45 -1.39 -20.18
C HIS L 69 -4.33 -2.78 -20.79
N ASN L 70 -5.33 -3.63 -20.60
CA ASN L 70 -5.22 -5.01 -21.09
C ASN L 70 -6.11 -5.27 -22.28
N ILE L 71 -6.70 -4.21 -22.84
CA ILE L 71 -7.50 -4.34 -24.05
C ILE L 71 -6.56 -4.50 -25.26
N GLU L 72 -6.78 -5.55 -26.05
CA GLU L 72 -6.03 -5.78 -27.29
C GLU L 72 -6.71 -5.13 -28.50
N SER L 73 -8.02 -5.31 -28.63
CA SER L 73 -8.79 -4.62 -29.65
C SER L 73 -10.25 -4.53 -29.33
N ILE L 74 -10.94 -3.68 -30.08
CA ILE L 74 -12.39 -3.51 -29.96
C ILE L 74 -13.04 -3.64 -31.33
N ASP L 75 -14.03 -4.51 -31.39
CA ASP L 75 -14.89 -4.66 -32.53
C ASP L 75 -16.16 -3.87 -32.18
N SER L 76 -16.19 -2.58 -32.52
CA SER L 76 -17.32 -1.72 -32.12
C SER L 76 -18.63 -2.03 -32.86
N LYS L 77 -18.52 -2.66 -34.03
CA LYS L 77 -19.71 -3.13 -34.75
C LYS L 77 -20.45 -4.19 -33.93
N GLU L 78 -19.73 -5.25 -33.59
CA GLU L 78 -20.28 -6.31 -32.73
C GLU L 78 -20.24 -5.98 -31.22
N ARG L 79 -19.55 -4.90 -30.84
CA ARG L 79 -19.39 -4.47 -29.43
C ARG L 79 -18.66 -5.51 -28.57
N ILE L 80 -17.55 -6.02 -29.10
CA ILE L 80 -16.75 -7.04 -28.44
C ILE L 80 -15.40 -6.43 -28.09
N VAL L 81 -15.00 -6.61 -26.84
CA VAL L 81 -13.73 -6.14 -26.33
C VAL L 81 -12.86 -7.37 -26.17
N TYR L 82 -11.73 -7.37 -26.84
CA TYR L 82 -10.78 -8.47 -26.83
C TYR L 82 -9.64 -8.08 -25.95
N PHE L 83 -9.14 -9.04 -25.18
CA PHE L 83 -8.08 -8.79 -24.21
C PHE L 83 -6.81 -9.47 -24.62
N LYS L 84 -5.71 -9.05 -24.02
CA LYS L 84 -4.39 -9.56 -24.40
C LYS L 84 -4.22 -11.06 -24.13
N ASN L 85 -4.97 -11.60 -23.17
CA ASN L 85 -4.95 -13.04 -22.89
C ASN L 85 -5.90 -13.86 -23.77
N LYS L 86 -6.54 -13.21 -24.74
CA LYS L 86 -7.49 -13.81 -25.71
C LYS L 86 -8.91 -14.09 -25.18
N GLU L 87 -9.23 -13.63 -23.98
CA GLU L 87 -10.62 -13.58 -23.56
C GLU L 87 -11.28 -12.42 -24.25
N HIS L 88 -12.59 -12.39 -24.17
CA HIS L 88 -13.34 -11.25 -24.58
C HIS L 88 -14.59 -11.07 -23.70
N CYS L 89 -15.15 -9.86 -23.74
CA CYS L 89 -16.42 -9.57 -23.13
C CYS L 89 -17.15 -8.58 -24.02
N TYR L 90 -18.31 -8.07 -23.57
CA TYR L 90 -19.19 -7.25 -24.39
C TYR L 90 -19.32 -5.89 -23.79
N ALA L 91 -19.44 -4.91 -24.68
CA ALA L 91 -19.78 -3.56 -24.28
C ALA L 91 -21.25 -3.36 -24.61
N SER L 92 -21.92 -2.57 -23.79
CA SER L 92 -23.32 -2.26 -24.03
C SER L 92 -23.44 -1.20 -25.14
N VAL L 93 -24.61 -1.15 -25.76
CA VAL L 93 -24.90 -0.14 -26.77
C VAL L 93 -24.62 1.27 -26.24
N ARG L 94 -25.09 1.55 -25.03
CA ARG L 94 -24.97 2.90 -24.48
C ARG L 94 -23.59 3.28 -23.99
N ASN L 95 -22.69 2.32 -23.77
CA ASN L 95 -21.33 2.62 -23.25
C ASN L 95 -20.20 2.39 -24.25
N VAL L 96 -20.49 1.72 -25.36
CA VAL L 96 -19.45 1.25 -26.28
C VAL L 96 -18.58 2.39 -26.83
N LYS L 97 -19.22 3.51 -27.18
CA LYS L 97 -18.51 4.68 -27.71
C LYS L 97 -17.48 5.27 -26.72
N LYS L 98 -17.75 5.15 -25.43
CA LYS L 98 -16.92 5.76 -24.38
C LYS L 98 -15.68 4.96 -23.94
N ILE L 99 -15.44 3.78 -24.51
CA ILE L 99 -14.35 2.90 -24.04
C ILE L 99 -12.96 3.53 -24.27
C1 EDO M . -0.29 5.98 -8.58
O1 EDO M . 0.53 7.11 -8.95
C2 EDO M . -0.64 5.17 -9.83
O2 EDO M . -1.88 4.48 -9.65
C1 EDO N . -20.52 23.54 1.08
O1 EDO N . -20.70 24.08 -0.23
C2 EDO N . -19.60 22.31 1.04
O2 EDO N . -18.56 22.40 2.04
C1 EDO O . 35.22 -7.61 -13.10
O1 EDO O . 36.07 -8.07 -14.16
C2 EDO O . 35.55 -6.17 -12.75
O2 EDO O . 35.42 -5.97 -11.34
C1 EDO P . 30.50 -22.52 9.36
O1 EDO P . 29.43 -21.81 8.69
C2 EDO P . 31.88 -22.00 8.94
O2 EDO P . 32.92 -22.53 9.77
C1 EDO Q . -38.70 -11.84 -25.78
O1 EDO Q . -38.87 -10.53 -26.36
C2 EDO Q . -40.03 -12.59 -25.71
O2 EDO Q . -40.19 -13.39 -24.53
C1 EDO R . -34.16 -8.78 -23.60
O1 EDO R . -34.32 -7.69 -24.53
C2 EDO R . -32.74 -8.78 -23.05
O2 EDO R . -32.63 -8.10 -21.77
C1 EDO S . 8.77 7.12 50.32
O1 EDO S . 8.40 6.48 49.11
C2 EDO S . 7.85 6.69 51.46
O2 EDO S . 8.49 5.69 52.26
C1 EDO T . 12.64 -1.06 12.86
O1 EDO T . 13.29 -0.91 11.58
C2 EDO T . 12.43 0.30 13.59
O2 EDO T . 11.05 0.55 13.83
C1 EDO U . -11.90 8.08 -8.71
O1 EDO U . -12.02 7.58 -7.39
C2 EDO U . -10.43 8.47 -8.96
O2 EDO U . -9.84 9.17 -7.83
#